data_1NBR
#
_entry.id   1NBR
#
_entity_poly.entity_id   1
_entity_poly.type   'polyribonucleotide'
_entity_poly.pdbx_seq_one_letter_code
;GGAGUGCUUCAACAGUGCUUGGACGCUCC
;
_entity_poly.pdbx_strand_id   A
#
loop_
_chem_comp.id
_chem_comp.type
_chem_comp.name
_chem_comp.formula
A RNA linking ADENOSINE-5'-MONOPHOSPHATE 'C10 H14 N5 O7 P'
C RNA linking CYTIDINE-5'-MONOPHOSPHATE 'C9 H14 N3 O8 P'
G RNA linking GUANOSINE-5'-MONOPHOSPHATE 'C10 H14 N5 O8 P'
U RNA linking URIDINE-5'-MONOPHOSPHATE 'C9 H13 N2 O9 P'
#